data_6DFD
#
_entry.id   6DFD
#
_cell.length_a   101.267
_cell.length_b   101.267
_cell.length_c   77.120
_cell.angle_alpha   90.00
_cell.angle_beta   90.00
_cell.angle_gamma   90.00
#
_symmetry.space_group_name_H-M   'P 42 21 2'
#
loop_
_entity.id
_entity.type
_entity.pdbx_description
1 polymer 'Metal transporter CNNM3'
2 water water
#
_entity_poly.entity_id   1
_entity_poly.type   'polypeptide(L)'
_entity_poly.pdbx_seq_one_letter_code
;GPLGSSEDYRDTVVKRKPASL(MSE)APLKRKEEFSLFKVSDDEYKVTISPQLLLATQRFLSREVDVFSPLR(MSE)SEK
VLLHLLKHPSVNQEVRFDESNRLATHHYLYQRSQPVDYFILILQGRVEVEIGKEGLKFENGAFTYYGVSAL(MSE)VPSS
VHQSPVSSLQPIRHDLQPDPGDGTHSS(MSE)YCPDYTVRALSDLQLIKVTRLQYLNAL(MSE)ATRAQNLPQSPENTDL
Q(MSE)(MSE)PGSQTRLLGEKTTTAAGSSHSRPGVPVEGSPGRNPGV
;
_entity_poly.pdbx_strand_id   A,B
#
# COMPACT_ATOMS: atom_id res chain seq x y z
N TYR A 41 -30.94 -6.52 -4.82
CA TYR A 41 -29.97 -6.16 -5.86
C TYR A 41 -28.59 -6.72 -5.53
N LYS A 42 -28.07 -7.55 -6.43
CA LYS A 42 -26.69 -8.04 -6.33
C LYS A 42 -26.21 -8.33 -7.73
N VAL A 43 -25.20 -7.60 -8.18
CA VAL A 43 -24.78 -7.63 -9.57
C VAL A 43 -24.01 -8.91 -9.85
N THR A 44 -24.28 -9.52 -11.00
CA THR A 44 -23.51 -10.66 -11.45
C THR A 44 -22.15 -10.19 -11.97
N ILE A 45 -21.08 -10.67 -11.35
CA ILE A 45 -19.73 -10.36 -11.81
C ILE A 45 -19.44 -11.13 -13.09
N SER A 46 -18.74 -10.48 -14.01
CA SER A 46 -18.41 -11.12 -15.28
C SER A 46 -17.68 -12.44 -15.02
N PRO A 47 -18.07 -13.54 -15.69
CA PRO A 47 -17.37 -14.82 -15.46
C PRO A 47 -15.90 -14.79 -15.83
N GLN A 48 -15.54 -14.02 -16.87
CA GLN A 48 -14.13 -13.93 -17.27
C GLN A 48 -13.32 -13.13 -16.25
N LEU A 49 -13.94 -12.14 -15.60
CA LEU A 49 -13.25 -11.43 -14.53
C LEU A 49 -13.00 -12.34 -13.33
N LEU A 50 -13.98 -13.19 -12.99
CA LEU A 50 -13.73 -14.12 -11.90
C LEU A 50 -12.68 -15.15 -12.27
N LEU A 51 -12.63 -15.56 -13.54
CA LEU A 51 -11.55 -16.45 -13.98
C LEU A 51 -10.20 -15.76 -13.88
N ALA A 52 -10.11 -14.50 -14.34
CA ALA A 52 -8.87 -13.75 -14.20
C ALA A 52 -8.47 -13.62 -12.74
N THR A 53 -9.45 -13.43 -11.87
CA THR A 53 -9.18 -13.31 -10.45
C THR A 53 -8.62 -14.62 -9.90
N GLN A 54 -9.21 -15.74 -10.30
CA GLN A 54 -8.71 -17.04 -9.86
C GLN A 54 -7.28 -17.27 -10.34
N ARG A 55 -7.02 -17.06 -11.64
CA ARG A 55 -5.65 -17.25 -12.13
C ARG A 55 -4.67 -16.37 -11.37
N PHE A 56 -5.05 -15.12 -11.15
CA PHE A 56 -4.18 -14.19 -10.45
C PHE A 56 -3.85 -14.71 -9.06
N LEU A 57 -4.88 -15.06 -8.28
CA LEU A 57 -4.63 -15.52 -6.91
C LEU A 57 -3.79 -16.78 -6.91
N SER A 58 -4.12 -17.74 -7.78
CA SER A 58 -3.37 -18.99 -7.82
C SER A 58 -1.91 -18.75 -8.12
N ARG A 59 -1.60 -17.72 -8.92
CA ARG A 59 -0.20 -17.47 -9.26
C ARG A 59 0.50 -16.64 -8.20
N GLU A 60 -0.18 -15.64 -7.62
CA GLU A 60 0.49 -14.58 -6.90
C GLU A 60 0.41 -14.69 -5.38
N VAL A 61 -0.56 -15.42 -4.84
CA VAL A 61 -0.81 -15.43 -3.39
C VAL A 61 -0.61 -16.85 -2.87
N ASP A 62 0.33 -17.02 -1.95
CA ASP A 62 0.78 -18.34 -1.53
C ASP A 62 -0.35 -19.17 -0.91
N VAL A 63 -1.20 -18.55 -0.09
CA VAL A 63 -2.28 -19.33 0.53
C VAL A 63 -3.25 -19.87 -0.51
N PHE A 64 -3.25 -19.33 -1.73
CA PHE A 64 -4.11 -19.81 -2.79
C PHE A 64 -3.36 -20.63 -3.83
N SER A 65 -2.12 -21.02 -3.54
CA SER A 65 -1.34 -21.83 -4.48
C SER A 65 -2.09 -23.13 -4.82
N PRO A 66 -1.96 -23.61 -6.06
CA PRO A 66 -2.58 -24.90 -6.42
C PRO A 66 -2.10 -26.06 -5.59
N LEU A 67 -0.99 -25.91 -4.86
CA LEU A 67 -0.54 -26.97 -3.97
C LEU A 67 -1.41 -27.07 -2.73
N ARG A 68 -2.13 -26.00 -2.40
CA ARG A 68 -3.02 -25.93 -1.25
C ARG A 68 -4.49 -26.01 -1.65
N SER A 70 -7.10 -26.31 -5.18
CA SER A 70 -7.14 -26.52 -6.62
C SER A 70 -7.74 -25.30 -7.30
N GLU A 71 -7.28 -25.04 -8.51
CA GLU A 71 -7.79 -23.89 -9.25
C GLU A 71 -9.29 -24.01 -9.45
N LYS A 72 -9.79 -25.23 -9.63
CA LYS A 72 -11.22 -25.42 -9.81
C LYS A 72 -11.99 -25.07 -8.54
N VAL A 73 -11.49 -25.50 -7.39
CA VAL A 73 -12.15 -25.21 -6.13
C VAL A 73 -12.12 -23.71 -5.86
N LEU A 74 -10.98 -23.07 -6.15
CA LEU A 74 -10.88 -21.63 -5.95
C LEU A 74 -11.88 -20.90 -6.83
N LEU A 75 -11.98 -21.28 -8.10
CA LEU A 75 -12.92 -20.59 -8.97
C LEU A 75 -14.34 -20.76 -8.45
N HIS A 76 -14.69 -21.97 -8.04
CA HIS A 76 -16.01 -22.21 -7.46
C HIS A 76 -16.24 -21.31 -6.24
N LEU A 77 -15.22 -21.15 -5.39
CA LEU A 77 -15.36 -20.30 -4.21
C LEU A 77 -15.61 -18.85 -4.61
N LEU A 78 -14.83 -18.35 -5.56
CA LEU A 78 -14.96 -16.95 -5.98
C LEU A 78 -16.31 -16.65 -6.61
N LYS A 79 -17.03 -17.68 -7.05
CA LYS A 79 -18.34 -17.50 -7.63
C LYS A 79 -19.46 -17.46 -6.60
N HIS A 80 -19.16 -17.76 -5.34
CA HIS A 80 -20.23 -17.79 -4.35
C HIS A 80 -20.73 -16.38 -4.05
N PRO A 81 -22.04 -16.20 -3.89
CA PRO A 81 -22.56 -14.84 -3.65
C PRO A 81 -21.94 -14.13 -2.46
N SER A 82 -21.72 -14.83 -1.34
CA SER A 82 -21.20 -14.16 -0.15
C SER A 82 -19.77 -13.66 -0.31
N VAL A 83 -19.04 -14.20 -1.29
CA VAL A 83 -17.66 -13.78 -1.52
C VAL A 83 -17.59 -12.51 -2.34
N ASN A 84 -18.66 -12.21 -3.07
CA ASN A 84 -18.72 -11.04 -3.93
C ASN A 84 -19.43 -9.95 -3.16
N GLN A 85 -18.69 -8.91 -2.77
CA GLN A 85 -19.22 -7.89 -1.90
C GLN A 85 -18.92 -6.52 -2.50
N GLU A 86 -19.59 -5.50 -1.97
CA GLU A 86 -19.36 -4.14 -2.41
C GLU A 86 -19.22 -3.24 -1.20
N VAL A 87 -18.64 -2.08 -1.44
CA VAL A 87 -18.75 -0.95 -0.53
C VAL A 87 -19.42 0.15 -1.34
N ARG A 88 -20.56 0.62 -0.84
CA ARG A 88 -21.23 1.77 -1.41
C ARG A 88 -20.63 3.01 -0.74
N PHE A 89 -19.94 3.82 -1.52
CA PHE A 89 -19.20 4.92 -0.95
C PHE A 89 -20.12 6.12 -0.75
N ASP A 90 -20.14 6.63 0.48
CA ASP A 90 -20.99 7.77 0.86
C ASP A 90 -20.13 9.02 0.82
N GLU A 91 -20.21 9.76 -0.29
CA GLU A 91 -19.35 10.93 -0.41
C GLU A 91 -19.77 12.06 0.52
N SER A 92 -20.94 11.97 1.15
CA SER A 92 -21.29 12.95 2.18
C SER A 92 -20.77 12.54 3.56
N ASN A 93 -20.11 11.37 3.68
CA ASN A 93 -19.53 10.95 4.95
C ASN A 93 -18.36 10.01 4.64
N ARG A 94 -17.23 10.60 4.27
CA ARG A 94 -16.10 9.82 3.77
C ARG A 94 -15.46 8.94 4.84
N LEU A 95 -15.70 9.22 6.12
CA LEU A 95 -15.14 8.40 7.18
C LEU A 95 -16.18 7.44 7.77
N ALA A 96 -17.25 7.16 7.04
CA ALA A 96 -18.29 6.28 7.54
C ALA A 96 -17.73 4.91 7.87
N THR A 97 -18.31 4.27 8.89
CA THR A 97 -17.75 3.01 9.38
C THR A 97 -17.71 1.96 8.28
N HIS A 98 -18.74 1.90 7.43
CA HIS A 98 -18.76 0.84 6.41
C HIS A 98 -17.72 1.06 5.32
N HIS A 99 -17.00 2.18 5.32
CA HIS A 99 -15.91 2.38 4.39
C HIS A 99 -14.63 1.66 4.80
N TYR A 100 -14.53 1.21 6.05
CA TYR A 100 -13.31 0.60 6.55
C TYR A 100 -13.34 -0.90 6.30
N LEU A 101 -12.33 -1.39 5.59
CA LEU A 101 -12.14 -2.83 5.38
C LEU A 101 -11.30 -3.45 6.48
N TYR A 102 -10.31 -2.70 6.97
CA TYR A 102 -9.45 -3.15 8.05
C TYR A 102 -9.16 -1.95 8.95
N GLN A 103 -8.97 -2.24 10.24
CA GLN A 103 -8.63 -1.20 11.20
C GLN A 103 -7.52 -1.72 12.10
N ARG A 104 -6.45 -0.93 12.23
CA ARG A 104 -5.34 -1.27 13.09
C ARG A 104 -5.83 -1.89 14.39
N SER A 105 -5.19 -2.99 14.78
CA SER A 105 -5.37 -3.64 16.07
C SER A 105 -6.77 -4.21 16.28
N GLN A 106 -7.66 -4.09 15.29
CA GLN A 106 -9.00 -4.65 15.41
C GLN A 106 -9.00 -6.07 14.85
N PRO A 107 -9.42 -7.07 15.63
CA PRO A 107 -9.42 -8.45 15.12
C PRO A 107 -10.16 -8.55 13.80
N VAL A 108 -9.59 -9.33 12.88
CA VAL A 108 -10.19 -9.54 11.56
C VAL A 108 -9.95 -10.98 11.15
N ASP A 109 -10.86 -11.51 10.33
CA ASP A 109 -10.76 -12.90 9.92
C ASP A 109 -11.17 -13.09 8.47
N TYR A 110 -10.90 -12.11 7.61
CA TYR A 110 -11.17 -12.27 6.19
C TYR A 110 -10.06 -11.65 5.36
N PHE A 111 -9.94 -12.19 4.14
CA PHE A 111 -9.05 -11.72 3.10
C PHE A 111 -9.90 -10.94 2.10
N ILE A 112 -9.34 -9.85 1.57
CA ILE A 112 -10.02 -9.04 0.57
C ILE A 112 -9.09 -8.80 -0.62
N LEU A 113 -9.66 -8.93 -1.82
CA LEU A 113 -9.01 -8.48 -3.05
C LEU A 113 -9.95 -7.47 -3.69
N ILE A 114 -9.40 -6.34 -4.12
CA ILE A 114 -10.20 -5.28 -4.71
C ILE A 114 -10.36 -5.58 -6.20
N LEU A 115 -11.60 -5.81 -6.62
CA LEU A 115 -11.83 -5.99 -8.06
C LEU A 115 -11.88 -4.64 -8.76
N GLN A 116 -12.49 -3.66 -8.11
CA GLN A 116 -12.62 -2.34 -8.69
C GLN A 116 -12.71 -1.33 -7.56
N GLY A 117 -11.99 -0.22 -7.69
CA GLY A 117 -12.10 0.87 -6.75
C GLY A 117 -10.76 1.22 -6.13
N ARG A 118 -10.83 2.16 -5.18
CA ARG A 118 -9.64 2.80 -4.61
C ARG A 118 -9.73 2.83 -3.10
N VAL A 119 -8.61 2.54 -2.45
CA VAL A 119 -8.54 2.56 -0.99
C VAL A 119 -7.29 3.31 -0.55
N GLU A 120 -7.35 3.86 0.65
CA GLU A 120 -6.19 4.40 1.32
C GLU A 120 -5.76 3.42 2.39
N VAL A 121 -4.47 3.13 2.43
CA VAL A 121 -3.87 2.22 3.38
C VAL A 121 -2.93 3.04 4.25
N GLU A 122 -3.04 2.87 5.56
CA GLU A 122 -2.03 3.38 6.49
C GLU A 122 -1.47 2.19 7.25
N ILE A 123 -0.14 2.01 7.19
CA ILE A 123 0.44 0.72 7.49
C ILE A 123 1.80 0.88 8.17
N GLY A 124 2.11 -0.09 9.04
CA GLY A 124 3.41 -0.17 9.67
C GLY A 124 3.49 0.69 10.91
N LYS A 125 4.66 0.63 11.55
CA LYS A 125 4.88 1.38 12.79
C LYS A 125 4.84 2.89 12.54
N GLU A 126 5.18 3.33 11.33
CA GLU A 126 5.12 4.75 11.01
C GLU A 126 3.76 5.17 10.47
N GLY A 127 2.87 4.22 10.21
CA GLY A 127 1.58 4.54 9.64
C GLY A 127 1.72 5.27 8.33
N LEU A 128 2.60 4.79 7.46
CA LEU A 128 2.73 5.41 6.15
C LEU A 128 1.42 5.25 5.39
N LYS A 129 1.07 6.26 4.62
CA LYS A 129 -0.20 6.31 3.91
C LYS A 129 0.04 6.28 2.42
N PHE A 130 -0.67 5.39 1.72
CA PHE A 130 -0.64 5.45 0.27
C PHE A 130 -1.93 4.83 -0.26
N GLU A 131 -2.21 5.17 -1.52
CA GLU A 131 -3.45 4.75 -2.17
C GLU A 131 -3.20 3.53 -3.04
N ASN A 132 -4.13 2.59 -3.00
CA ASN A 132 -4.07 1.36 -3.77
C ASN A 132 -5.35 1.22 -4.57
N GLY A 133 -5.26 0.50 -5.68
CA GLY A 133 -6.37 0.30 -6.58
C GLY A 133 -6.65 -1.18 -6.83
N ALA A 134 -7.14 -1.44 -8.04
CA ALA A 134 -7.68 -2.74 -8.36
C ALA A 134 -6.61 -3.81 -8.29
N PHE A 135 -6.99 -4.95 -7.73
CA PHE A 135 -6.20 -6.18 -7.63
C PHE A 135 -5.10 -6.06 -6.58
N THR A 136 -5.16 -5.05 -5.72
CA THR A 136 -4.45 -5.12 -4.46
C THR A 136 -5.25 -5.97 -3.49
N TYR A 137 -4.57 -6.60 -2.53
CA TYR A 137 -5.25 -7.51 -1.63
C TYR A 137 -4.66 -7.41 -0.23
N TYR A 138 -5.43 -7.90 0.74
CA TYR A 138 -5.21 -7.65 2.16
C TYR A 138 -5.70 -8.85 2.95
N GLY A 139 -5.16 -9.00 4.15
CA GLY A 139 -5.70 -9.95 5.11
C GLY A 139 -5.32 -11.38 4.87
N VAL A 140 -4.22 -11.64 4.16
CA VAL A 140 -3.76 -13.01 3.95
C VAL A 140 -3.53 -13.71 5.29
N SER A 141 -2.98 -12.98 6.26
CA SER A 141 -2.70 -13.58 7.56
C SER A 141 -3.98 -14.00 8.27
N ALA A 142 -5.11 -13.36 7.95
CA ALA A 142 -6.38 -13.78 8.51
C ALA A 142 -6.79 -15.17 8.05
N LEU A 143 -6.13 -15.69 7.01
CA LEU A 143 -6.27 -17.08 6.58
C LEU A 143 -5.09 -17.92 7.04
N TYR A 177 -6.35 -12.66 14.04
CA TYR A 177 -5.27 -11.77 13.63
C TYR A 177 -5.72 -10.32 13.71
N CYS A 178 -4.87 -9.47 14.27
CA CYS A 178 -5.10 -8.03 14.29
C CYS A 178 -4.13 -7.37 13.32
N PRO A 179 -4.61 -6.70 12.28
CA PRO A 179 -3.68 -6.14 11.28
C PRO A 179 -2.97 -4.91 11.82
N ASP A 180 -1.80 -4.64 11.26
CA ASP A 180 -1.08 -3.40 11.53
C ASP A 180 -1.32 -2.38 10.42
N TYR A 181 -2.53 -2.36 9.89
CA TYR A 181 -2.90 -1.40 8.86
C TYR A 181 -4.38 -1.09 8.96
N THR A 182 -4.72 0.08 8.44
CA THR A 182 -6.11 0.47 8.24
C THR A 182 -6.31 0.67 6.75
N VAL A 183 -7.45 0.21 6.24
CA VAL A 183 -7.77 0.30 4.83
C VAL A 183 -9.15 0.92 4.69
N ARG A 184 -9.25 2.03 3.99
CA ARG A 184 -10.49 2.77 3.87
C ARG A 184 -10.85 3.01 2.42
N ALA A 185 -12.10 2.76 2.07
CA ALA A 185 -12.57 3.06 0.73
C ALA A 185 -12.46 4.55 0.43
N LEU A 186 -12.01 4.86 -0.80
CA LEU A 186 -12.05 6.19 -1.35
C LEU A 186 -13.06 6.32 -2.49
N SER A 187 -13.76 5.23 -2.81
CA SER A 187 -14.69 5.17 -3.93
C SER A 187 -15.59 3.96 -3.67
N ASP A 188 -16.64 3.82 -4.47
CA ASP A 188 -17.34 2.54 -4.48
C ASP A 188 -16.34 1.43 -4.73
N LEU A 189 -16.49 0.33 -4.00
CA LEU A 189 -15.60 -0.82 -4.18
C LEU A 189 -16.39 -2.03 -4.62
N GLN A 190 -15.80 -2.81 -5.53
CA GLN A 190 -16.24 -4.18 -5.79
C GLN A 190 -15.13 -5.10 -5.34
N LEU A 191 -15.49 -6.07 -4.49
CA LEU A 191 -14.55 -6.82 -3.67
C LEU A 191 -14.78 -8.32 -3.77
N ILE A 192 -13.68 -9.06 -3.65
CA ILE A 192 -13.67 -10.47 -3.27
C ILE A 192 -13.35 -10.52 -1.78
N LYS A 193 -14.21 -11.16 -0.99
CA LYS A 193 -14.02 -11.31 0.45
C LYS A 193 -14.08 -12.79 0.80
N VAL A 194 -12.98 -13.30 1.36
CA VAL A 194 -12.89 -14.70 1.75
C VAL A 194 -12.61 -14.76 3.24
N THR A 195 -13.53 -15.36 3.99
CA THR A 195 -13.32 -15.52 5.41
C THR A 195 -12.46 -16.74 5.69
N ARG A 196 -11.92 -16.77 6.90
CA ARG A 196 -11.11 -17.91 7.31
C ARG A 196 -11.90 -19.21 7.22
N LEU A 197 -13.17 -19.18 7.64
CA LEU A 197 -13.98 -20.40 7.59
C LEU A 197 -14.23 -20.81 6.14
N GLN A 198 -14.48 -19.84 5.26
CA GLN A 198 -14.68 -20.19 3.85
C GLN A 198 -13.40 -20.75 3.25
N TYR A 199 -12.26 -20.16 3.60
CA TYR A 199 -10.98 -20.66 3.11
C TYR A 199 -10.74 -22.10 3.57
N LEU A 200 -10.83 -22.34 4.87
CA LEU A 200 -10.58 -23.67 5.41
C LEU A 200 -11.57 -24.69 4.86
N ASN A 201 -12.83 -24.29 4.72
CA ASN A 201 -13.82 -25.18 4.08
C ASN A 201 -13.39 -25.52 2.67
N ALA A 202 -12.87 -24.54 1.93
CA ALA A 202 -12.38 -24.78 0.59
C ALA A 202 -11.18 -25.71 0.59
N LEU A 203 -10.28 -25.58 1.57
CA LEU A 203 -9.16 -26.51 1.66
C LEU A 203 -9.66 -27.92 1.87
N ALA A 205 -12.56 -28.99 0.83
CA ALA A 205 -13.19 -29.36 -0.44
C ALA A 205 -12.14 -29.83 -1.46
N THR A 206 -10.99 -29.17 -1.49
CA THR A 206 -9.90 -29.62 -2.36
C THR A 206 -9.49 -31.05 -2.02
N ARG A 207 -9.60 -31.44 -0.74
CA ARG A 207 -9.27 -32.79 -0.34
C ARG A 207 -10.35 -33.79 -0.73
N ALA A 208 -11.58 -33.34 -0.88
CA ALA A 208 -12.69 -34.21 -1.26
C ALA A 208 -13.43 -33.65 -2.47
N LEU B 49 4.06 20.81 -10.20
CA LEU B 49 5.51 20.91 -10.08
C LEU B 49 5.91 20.88 -8.60
N LEU B 50 6.70 21.85 -8.17
CA LEU B 50 7.00 21.98 -6.75
C LEU B 50 5.76 22.29 -5.95
N LEU B 51 4.75 22.90 -6.59
CA LEU B 51 3.53 23.26 -5.89
C LEU B 51 2.75 22.03 -5.45
N ALA B 52 2.59 21.06 -6.36
CA ALA B 52 1.94 19.81 -5.99
C ALA B 52 2.64 19.16 -4.81
N THR B 53 3.97 19.21 -4.79
CA THR B 53 4.72 18.53 -3.74
C THR B 53 4.57 19.25 -2.40
N GLN B 54 4.75 20.57 -2.38
CA GLN B 54 4.63 21.30 -1.12
C GLN B 54 3.19 21.25 -0.59
N ARG B 55 2.21 21.37 -1.48
CA ARG B 55 0.82 21.19 -1.07
C ARG B 55 0.61 19.81 -0.47
N PHE B 56 1.08 18.78 -1.18
CA PHE B 56 0.91 17.41 -0.69
C PHE B 56 1.54 17.22 0.67
N LEU B 57 2.80 17.66 0.84
CA LEU B 57 3.49 17.47 2.10
C LEU B 57 2.77 18.21 3.23
N SER B 58 2.52 19.50 3.03
CA SER B 58 1.86 20.29 4.06
C SER B 58 0.51 19.68 4.45
N ARG B 59 -0.21 19.10 3.48
CA ARG B 59 -1.55 18.60 3.78
C ARG B 59 -1.52 17.21 4.41
N GLU B 60 -0.67 16.32 3.89
CA GLU B 60 -0.70 14.90 4.22
C GLU B 60 0.35 14.47 5.23
N VAL B 61 1.50 15.15 5.29
CA VAL B 61 2.64 14.71 6.08
C VAL B 61 2.76 15.64 7.28
N ASP B 62 2.48 15.10 8.47
CA ASP B 62 2.42 15.92 9.68
C ASP B 62 3.69 16.73 9.88
N VAL B 63 4.86 16.08 9.82
CA VAL B 63 6.11 16.75 10.14
C VAL B 63 6.35 17.97 9.26
N PHE B 64 5.65 18.06 8.12
CA PHE B 64 5.71 19.24 7.27
C PHE B 64 4.49 20.13 7.43
N SER B 65 3.75 19.97 8.51
CA SER B 65 2.61 20.83 8.78
C SER B 65 3.04 22.30 8.79
N PRO B 66 2.18 23.21 8.32
CA PRO B 66 2.52 24.64 8.38
C PRO B 66 2.68 25.14 9.81
N LEU B 67 2.14 24.42 10.79
CA LEU B 67 2.37 24.77 12.19
C LEU B 67 3.85 24.63 12.55
N ARG B 68 4.51 23.61 12.01
CA ARG B 68 5.91 23.35 12.33
C ARG B 68 6.86 23.99 11.33
N SER B 70 7.42 26.89 8.06
CA SER B 70 6.96 27.98 7.19
C SER B 70 6.87 27.49 5.75
N GLU B 71 5.71 27.69 5.13
CA GLU B 71 5.56 27.33 3.73
C GLU B 71 6.72 27.85 2.90
N LYS B 72 7.13 29.10 3.14
CA LYS B 72 8.32 29.63 2.51
C LYS B 72 9.54 28.76 2.81
N VAL B 73 9.71 28.40 4.09
CA VAL B 73 10.82 27.53 4.46
C VAL B 73 10.73 26.20 3.73
N LEU B 74 9.54 25.60 3.67
CA LEU B 74 9.38 24.32 3.00
C LEU B 74 9.78 24.40 1.53
N LEU B 75 9.29 25.41 0.82
CA LEU B 75 9.62 25.52 -0.59
C LEU B 75 11.11 25.81 -0.80
N HIS B 76 11.67 26.69 0.02
CA HIS B 76 13.11 26.93 -0.03
C HIS B 76 13.88 25.63 0.17
N LEU B 77 13.35 24.74 1.00
CA LEU B 77 14.00 23.45 1.22
C LEU B 77 13.87 22.56 -0.01
N LEU B 78 12.65 22.43 -0.55
CA LEU B 78 12.45 21.66 -1.78
C LEU B 78 13.36 22.16 -2.89
N LYS B 79 13.72 23.44 -2.86
CA LYS B 79 14.57 24.00 -3.90
C LYS B 79 16.05 23.64 -3.69
N HIS B 80 16.51 23.67 -2.45
CA HIS B 80 17.91 23.40 -2.17
C HIS B 80 18.33 22.09 -2.84
N PRO B 81 19.51 22.03 -3.45
CA PRO B 81 19.77 21.01 -4.48
C PRO B 81 20.01 19.60 -3.95
N SER B 82 20.64 19.48 -2.77
CA SER B 82 20.87 18.15 -2.21
C SER B 82 19.57 17.41 -1.92
N VAL B 83 18.44 18.13 -1.88
CA VAL B 83 17.16 17.49 -1.61
C VAL B 83 16.58 16.85 -2.87
N ASN B 84 16.83 17.42 -4.04
CA ASN B 84 16.39 16.84 -5.30
C ASN B 84 17.41 15.80 -5.75
N GLN B 85 17.06 14.52 -5.63
CA GLN B 85 17.98 13.45 -6.00
C GLN B 85 17.37 12.61 -7.11
N GLU B 86 18.25 11.90 -7.82
CA GLU B 86 17.87 10.95 -8.86
C GLU B 86 18.45 9.59 -8.53
N VAL B 87 17.73 8.54 -8.92
CA VAL B 87 18.22 7.17 -8.85
C VAL B 87 18.17 6.60 -10.26
N ARG B 88 19.34 6.33 -10.83
CA ARG B 88 19.42 5.73 -12.15
C ARG B 88 19.28 4.21 -12.01
N PHE B 89 18.32 3.64 -12.74
CA PHE B 89 18.01 2.23 -12.63
C PHE B 89 18.85 1.44 -13.64
N ASP B 90 19.73 0.58 -13.14
CA ASP B 90 20.52 -0.32 -13.98
C ASP B 90 19.70 -1.59 -14.19
N GLU B 91 18.95 -1.62 -15.30
CA GLU B 91 18.13 -2.78 -15.61
C GLU B 91 18.95 -4.05 -15.82
N SER B 92 20.28 -3.94 -15.89
CA SER B 92 21.11 -5.13 -15.95
C SER B 92 21.16 -5.84 -14.60
N ASN B 93 21.26 -5.06 -13.51
CA ASN B 93 21.22 -5.59 -12.15
C ASN B 93 20.02 -4.95 -11.46
N ARG B 94 18.87 -5.64 -11.51
CA ARG B 94 17.65 -5.11 -10.93
C ARG B 94 17.75 -5.00 -9.41
N LEU B 95 18.52 -5.88 -8.78
CA LEU B 95 18.72 -5.87 -7.33
C LEU B 95 19.99 -5.14 -6.94
N ALA B 96 20.51 -4.28 -7.80
CA ALA B 96 21.72 -3.53 -7.50
C ALA B 96 21.59 -2.82 -6.16
N THR B 97 22.73 -2.69 -5.47
CA THR B 97 22.74 -2.13 -4.13
C THR B 97 22.05 -0.77 -4.08
N HIS B 98 22.40 0.12 -5.01
CA HIS B 98 21.90 1.49 -4.95
C HIS B 98 20.41 1.59 -5.26
N HIS B 99 19.77 0.50 -5.69
CA HIS B 99 18.33 0.51 -5.91
C HIS B 99 17.53 0.46 -4.61
N TYR B 100 18.16 0.14 -3.48
CA TYR B 100 17.46 -0.04 -2.22
C TYR B 100 17.48 1.27 -1.43
N LEU B 101 16.34 1.94 -1.37
CA LEU B 101 16.23 3.19 -0.61
C LEU B 101 16.08 2.93 0.88
N TYR B 102 15.43 1.82 1.24
CA TYR B 102 15.20 1.47 2.64
C TYR B 102 15.32 -0.04 2.80
N GLN B 103 15.91 -0.48 3.90
CA GLN B 103 16.02 -1.88 4.22
C GLN B 103 15.77 -2.05 5.72
N ARG B 104 15.10 -3.14 6.09
CA ARG B 104 14.87 -3.41 7.50
C ARG B 104 16.16 -3.58 8.27
N SER B 105 17.25 -3.91 7.58
CA SER B 105 18.57 -4.09 8.18
C SER B 105 19.49 -2.90 7.93
N GLN B 106 18.93 -1.70 7.83
CA GLN B 106 19.71 -0.49 7.60
C GLN B 106 18.98 0.68 8.27
N PRO B 107 19.69 1.54 9.00
CA PRO B 107 19.00 2.59 9.76
C PRO B 107 18.41 3.67 8.85
N VAL B 108 17.24 4.16 9.25
CA VAL B 108 16.59 5.23 8.49
C VAL B 108 17.34 6.53 8.75
N ASP B 109 17.88 7.12 7.68
CA ASP B 109 18.61 8.37 7.77
C ASP B 109 17.83 9.55 7.22
N TYR B 110 16.72 9.32 6.53
CA TYR B 110 16.16 10.38 5.70
C TYR B 110 14.71 10.07 5.38
N PHE B 111 13.97 11.14 5.12
CA PHE B 111 12.63 11.08 4.56
C PHE B 111 12.73 11.18 3.04
N ILE B 112 11.95 10.35 2.34
CA ILE B 112 11.93 10.37 0.89
C ILE B 112 10.49 10.50 0.40
N LEU B 113 10.30 11.35 -0.61
CA LEU B 113 9.05 11.41 -1.36
C LEU B 113 9.34 11.12 -2.82
N ILE B 114 8.64 10.15 -3.40
CA ILE B 114 8.82 9.82 -4.81
C ILE B 114 8.15 10.90 -5.64
N LEU B 115 8.93 11.58 -6.48
CA LEU B 115 8.36 12.47 -7.49
C LEU B 115 8.03 11.69 -8.76
N GLN B 116 8.99 10.95 -9.29
CA GLN B 116 8.75 10.15 -10.49
C GLN B 116 9.40 8.79 -10.33
N GLY B 117 8.80 7.80 -10.96
CA GLY B 117 9.30 6.44 -10.96
C GLY B 117 8.46 5.54 -10.07
N ARG B 118 8.94 4.30 -9.94
CA ARG B 118 8.21 3.27 -9.22
C ARG B 118 9.15 2.52 -8.28
N VAL B 119 8.60 2.07 -7.16
CA VAL B 119 9.34 1.28 -6.18
C VAL B 119 8.46 0.10 -5.76
N GLU B 120 9.11 -0.98 -5.36
CA GLU B 120 8.45 -2.09 -4.69
C GLU B 120 8.68 -1.94 -3.18
N VAL B 121 7.59 -2.01 -2.42
CA VAL B 121 7.62 -1.80 -0.98
C VAL B 121 7.04 -3.05 -0.33
N GLU B 122 7.81 -3.66 0.57
CA GLU B 122 7.27 -4.68 1.46
C GLU B 122 7.28 -4.09 2.86
N ILE B 123 6.10 -4.00 3.49
CA ILE B 123 5.92 -3.17 4.67
C ILE B 123 5.01 -3.86 5.68
N GLY B 124 5.32 -3.68 6.96
CA GLY B 124 4.49 -4.19 8.03
C GLY B 124 4.93 -5.57 8.50
N LYS B 125 4.33 -5.99 9.62
CA LYS B 125 4.60 -7.33 10.13
C LYS B 125 4.13 -8.39 9.15
N GLU B 126 3.00 -8.14 8.48
CA GLU B 126 2.58 -9.00 7.37
C GLU B 126 3.44 -8.79 6.13
N GLY B 127 4.27 -7.77 6.10
CA GLY B 127 5.10 -7.51 4.93
C GLY B 127 4.31 -7.42 3.65
N LEU B 128 3.16 -6.78 3.68
CA LEU B 128 2.38 -6.59 2.46
C LEU B 128 3.25 -5.92 1.41
N LYS B 129 3.16 -6.43 0.19
CA LYS B 129 3.91 -5.91 -0.94
C LYS B 129 3.04 -5.01 -1.78
N PHE B 130 3.60 -3.90 -2.25
CA PHE B 130 2.91 -2.96 -3.10
C PHE B 130 3.89 -2.38 -4.11
N GLU B 131 3.36 -1.99 -5.27
CA GLU B 131 4.10 -1.19 -6.22
C GLU B 131 3.63 0.25 -6.07
N ASN B 132 4.51 1.10 -5.55
CA ASN B 132 4.19 2.47 -5.23
C ASN B 132 4.89 3.41 -6.21
N GLY B 133 4.28 4.57 -6.43
CA GLY B 133 4.81 5.52 -7.37
C GLY B 133 4.83 6.92 -6.80
N ALA B 134 4.61 7.90 -7.68
CA ALA B 134 4.71 9.29 -7.30
C ALA B 134 3.88 9.60 -6.07
N PHE B 135 4.45 10.44 -5.19
CA PHE B 135 3.83 10.97 -3.98
C PHE B 135 3.56 9.91 -2.92
N THR B 136 4.14 8.72 -3.05
CA THR B 136 4.31 7.90 -1.87
C THR B 136 5.58 8.37 -1.16
N TYR B 137 5.58 8.25 0.16
CA TYR B 137 6.64 8.83 0.97
C TYR B 137 7.02 7.83 2.06
N TYR B 138 8.24 8.00 2.56
CA TYR B 138 8.86 7.03 3.45
C TYR B 138 9.74 7.78 4.42
N GLY B 139 9.97 7.16 5.58
CA GLY B 139 10.95 7.66 6.52
C GLY B 139 10.54 8.90 7.29
N VAL B 140 9.22 9.09 7.50
CA VAL B 140 8.79 10.18 8.38
C VAL B 140 9.43 10.01 9.75
N SER B 141 9.63 8.77 10.18
CA SER B 141 10.31 8.51 11.45
C SER B 141 11.63 9.26 11.55
N ALA B 142 12.34 9.39 10.43
CA ALA B 142 13.63 10.09 10.44
C ALA B 142 13.50 11.52 10.93
N LEU B 143 12.34 12.14 10.77
CA LEU B 143 12.17 13.56 11.01
C LEU B 143 11.40 13.89 12.28
N TYR B 177 16.97 4.27 14.38
CA TYR B 177 15.82 3.42 14.12
C TYR B 177 15.92 2.79 12.73
N CYS B 178 15.46 1.54 12.62
CA CYS B 178 15.37 0.85 11.34
C CYS B 178 13.92 0.69 10.93
N PRO B 179 13.60 0.85 9.65
CA PRO B 179 12.19 0.83 9.24
C PRO B 179 11.63 -0.58 9.16
N ASP B 180 10.31 -0.68 9.34
CA ASP B 180 9.58 -1.92 9.14
C ASP B 180 9.17 -2.10 7.68
N TYR B 181 10.09 -1.84 6.75
CA TYR B 181 9.79 -2.01 5.34
C TYR B 181 11.10 -2.03 4.56
N THR B 182 11.00 -2.51 3.33
CA THR B 182 12.07 -2.38 2.35
C THR B 182 11.48 -1.77 1.09
N VAL B 183 12.25 -0.88 0.47
CA VAL B 183 11.81 -0.11 -0.69
C VAL B 183 12.91 -0.21 -1.74
N ARG B 184 12.56 -0.73 -2.91
CA ARG B 184 13.52 -0.97 -3.98
C ARG B 184 13.04 -0.29 -5.26
N ALA B 185 13.95 0.40 -5.94
CA ALA B 185 13.60 1.06 -7.18
C ALA B 185 13.26 0.03 -8.26
N LEU B 186 12.19 0.31 -9.01
CA LEU B 186 11.83 -0.45 -10.20
C LEU B 186 12.12 0.30 -11.48
N SER B 187 12.45 1.59 -11.41
CA SER B 187 12.72 2.40 -12.58
C SER B 187 13.61 3.57 -12.14
N ASP B 188 14.02 4.37 -13.11
CA ASP B 188 14.60 5.68 -12.79
C ASP B 188 13.67 6.41 -11.82
N LEU B 189 14.26 7.08 -10.84
CA LEU B 189 13.48 7.80 -9.83
C LEU B 189 13.92 9.24 -9.75
N GLN B 190 12.94 10.14 -9.62
CA GLN B 190 13.15 11.49 -9.13
C GLN B 190 12.58 11.55 -7.72
N LEU B 191 13.43 11.95 -6.76
CA LEU B 191 13.13 11.86 -5.33
C LEU B 191 13.34 13.21 -4.66
N ILE B 192 12.55 13.45 -3.62
CA ILE B 192 12.83 14.45 -2.60
C ILE B 192 13.40 13.70 -1.40
N LYS B 193 14.61 14.07 -0.98
CA LYS B 193 15.30 13.40 0.12
C LYS B 193 15.65 14.43 1.17
N VAL B 194 15.17 14.22 2.40
CA VAL B 194 15.39 15.15 3.50
C VAL B 194 15.94 14.38 4.69
N THR B 195 17.17 14.69 5.08
CA THR B 195 17.76 14.08 6.26
C THR B 195 17.28 14.80 7.52
N ARG B 196 17.37 14.09 8.64
CA ARG B 196 17.00 14.68 9.92
C ARG B 196 17.75 15.98 10.17
N LEU B 197 18.99 16.09 9.69
CA LEU B 197 19.77 17.30 9.91
C LEU B 197 19.23 18.45 9.09
N GLN B 198 18.90 18.20 7.82
CA GLN B 198 18.31 19.25 6.99
C GLN B 198 16.97 19.71 7.55
N TYR B 199 16.18 18.75 8.05
CA TYR B 199 14.89 19.10 8.64
C TYR B 199 15.07 19.94 9.89
N LEU B 200 15.86 19.46 10.85
CA LEU B 200 16.09 20.21 12.08
C LEU B 200 16.68 21.58 11.78
N ASN B 201 17.59 21.65 10.81
CA ASN B 201 18.11 22.95 10.38
C ASN B 201 16.99 23.85 9.89
N ALA B 202 16.09 23.31 9.07
CA ALA B 202 14.97 24.10 8.58
C ALA B 202 14.02 24.53 9.69
N LEU B 203 13.98 23.80 10.81
CA LEU B 203 13.17 24.24 11.94
C LEU B 203 13.82 25.43 12.64
N ALA B 205 14.38 28.32 12.22
CA ALA B 205 14.01 29.35 11.26
C ALA B 205 12.85 30.20 11.81
#